data_1A1C
#
_entry.id   1A1C
#
_cell.length_a   51.700
_cell.length_b   66.900
_cell.length_c   75.600
_cell.angle_alpha   90.00
_cell.angle_beta   90.00
_cell.angle_gamma   90.00
#
_symmetry.space_group_name_H-M   'P 21 21 21'
#
loop_
_entity.id
_entity.type
_entity.pdbx_description
1 polymer 'C-SRC TYROSINE KINASE'
2 polymer ACE-PHOSPHOTYR-GLU-(N-ME(-(CH2)3-CYCLOPENTYL))
3 water water
#
loop_
_entity_poly.entity_id
_entity_poly.type
_entity_poly.pdbx_seq_one_letter_code
_entity_poly.pdbx_strand_id
1 'polypeptide(L)'
;MDSIQAEEWYFGKITRRESERLLLNAENPRGTFLVRESETTKGAYCLSVSDFDNAKGLNVKHYKIRKLDSGGFYITSRTQ
FNSLQQLVAYYSKHADGLCHRLTTVCP
;
A,B
2 'polypeptide(L)' (ACE)(PTR)E(DIX) C,D
#
loop_
_chem_comp.id
_chem_comp.type
_chem_comp.name
_chem_comp.formula
ACE non-polymer 'ACETYL GROUP' 'C2 H4 O'
DIX non-polymer METHYL(CYCLOPENTYL-PROPYL)AMINE 'C9 H19 N'
#
# COMPACT_ATOMS: atom_id res chain seq x y z
N SER A 3 5.94 22.88 15.06
CA SER A 3 5.61 22.86 13.66
C SER A 3 5.88 21.41 13.38
N ILE A 4 4.82 20.70 12.99
CA ILE A 4 5.03 19.31 12.70
C ILE A 4 5.95 19.04 11.49
N GLN A 5 6.25 20.03 10.62
CA GLN A 5 7.07 19.73 9.46
C GLN A 5 8.47 19.34 9.81
N ALA A 6 8.93 19.87 10.95
CA ALA A 6 10.25 19.62 11.47
C ALA A 6 10.29 18.48 12.46
N GLU A 7 9.24 17.70 12.69
CA GLU A 7 9.33 16.58 13.64
C GLU A 7 10.07 15.43 13.02
N GLU A 8 10.84 14.75 13.84
CA GLU A 8 11.66 13.57 13.52
C GLU A 8 10.89 12.40 12.95
N TRP A 9 9.73 12.21 13.56
CA TRP A 9 8.87 11.13 13.21
C TRP A 9 7.94 11.53 12.10
N TYR A 10 7.81 12.77 11.65
CA TYR A 10 6.82 13.11 10.66
C TYR A 10 7.43 13.06 9.28
N PHE A 11 6.86 12.31 8.32
CA PHE A 11 7.38 12.26 6.97
C PHE A 11 6.52 12.86 5.85
N GLY A 12 5.66 13.82 6.12
CA GLY A 12 4.94 14.56 5.08
C GLY A 12 4.16 13.77 4.04
N LYS A 13 4.38 14.04 2.77
CA LYS A 13 3.62 13.43 1.71
C LYS A 13 4.31 12.26 1.13
N ILE A 14 5.16 11.50 1.79
CA ILE A 14 5.72 10.31 1.17
C ILE A 14 4.61 9.31 0.88
N THR A 15 4.79 8.47 -0.13
CA THR A 15 3.76 7.58 -0.56
C THR A 15 3.74 6.40 0.33
N ARG A 16 2.66 5.63 0.23
CA ARG A 16 2.43 4.44 0.97
C ARG A 16 3.61 3.54 0.69
N ARG A 17 3.96 3.38 -0.58
CA ARG A 17 5.04 2.54 -1.03
C ARG A 17 6.40 2.97 -0.46
N GLU A 18 6.73 4.24 -0.47
CA GLU A 18 7.95 4.76 0.07
C GLU A 18 8.06 4.53 1.60
N SER A 19 6.97 4.67 2.41
CA SER A 19 7.05 4.42 3.84
C SER A 19 7.35 2.95 4.04
N GLU A 20 6.81 2.06 3.23
CA GLU A 20 7.13 0.66 3.40
C GLU A 20 8.59 0.40 3.03
N ARG A 21 9.06 1.05 1.97
CA ARG A 21 10.44 0.95 1.54
C ARG A 21 11.25 1.44 2.70
N LEU A 22 10.91 2.47 3.45
CA LEU A 22 11.73 2.92 4.56
C LEU A 22 11.71 2.01 5.80
N LEU A 23 10.57 1.38 6.06
CA LEU A 23 10.43 0.57 7.27
C LEU A 23 10.87 -0.89 7.21
N LEU A 24 10.75 -1.55 6.05
CA LEU A 24 11.06 -2.97 5.91
C LEU A 24 12.53 -3.04 5.70
N ASN A 25 13.23 -3.11 6.81
CA ASN A 25 14.67 -3.10 6.68
C ASN A 25 15.16 -3.74 7.91
N ALA A 26 16.00 -4.72 7.72
CA ALA A 26 16.65 -5.46 8.77
C ALA A 26 17.10 -4.65 9.99
N GLU A 27 17.48 -3.40 9.78
CA GLU A 27 17.95 -2.49 10.82
C GLU A 27 16.88 -2.02 11.80
N ASN A 28 15.63 -2.08 11.36
CA ASN A 28 14.53 -1.55 12.15
C ASN A 28 13.87 -2.52 13.09
N PRO A 29 13.70 -2.18 14.39
CA PRO A 29 13.07 -3.00 15.41
C PRO A 29 11.61 -3.15 15.05
N ARG A 30 10.94 -4.10 15.68
CA ARG A 30 9.50 -4.18 15.52
C ARG A 30 9.04 -2.93 16.28
N GLY A 31 8.17 -2.12 15.71
CA GLY A 31 7.74 -0.89 16.36
C GLY A 31 8.44 0.30 15.75
N THR A 32 9.25 0.21 14.71
CA THR A 32 9.84 1.36 14.09
C THR A 32 8.63 2.02 13.46
N PHE A 33 8.45 3.35 13.46
CA PHE A 33 7.27 3.97 12.88
C PHE A 33 7.49 5.35 12.27
N LEU A 34 6.46 5.81 11.56
CA LEU A 34 6.47 7.16 11.04
C LEU A 34 4.99 7.54 10.84
N VAL A 35 4.71 8.85 10.81
CA VAL A 35 3.39 9.45 10.59
C VAL A 35 3.45 10.19 9.25
N ARG A 36 2.47 10.15 8.42
CA ARG A 36 2.55 10.85 7.16
C ARG A 36 1.13 11.20 6.77
N GLU A 37 0.96 11.88 5.65
CA GLU A 37 -0.36 12.15 5.18
C GLU A 37 -0.83 10.91 4.48
N SER A 38 -2.15 10.68 4.51
CA SER A 38 -2.74 9.57 3.81
C SER A 38 -2.81 10.06 2.37
N GLU A 39 -2.41 9.28 1.35
CA GLU A 39 -2.60 9.70 -0.05
C GLU A 39 -4.07 9.49 -0.50
N THR A 40 -4.72 8.48 0.08
CA THR A 40 -6.04 8.02 -0.27
C THR A 40 -7.17 8.74 0.44
N THR A 41 -6.95 9.55 1.49
CA THR A 41 -8.03 10.17 2.27
C THR A 41 -7.43 11.51 2.56
N LYS A 42 -7.88 12.58 1.95
CA LYS A 42 -7.28 13.87 2.21
C LYS A 42 -7.81 14.26 3.55
N GLY A 43 -6.96 14.98 4.21
CA GLY A 43 -7.29 15.37 5.53
C GLY A 43 -6.94 14.28 6.52
N ALA A 44 -6.65 13.02 6.20
CA ALA A 44 -6.31 12.08 7.25
C ALA A 44 -4.82 11.89 7.25
N TYR A 45 -4.29 11.37 8.34
CA TYR A 45 -2.88 11.06 8.45
C TYR A 45 -2.77 9.58 8.51
N CYS A 46 -1.60 9.03 8.68
CA CYS A 46 -1.45 7.60 8.74
C CYS A 46 -0.19 7.31 9.53
N LEU A 47 -0.26 6.30 10.39
CA LEU A 47 0.81 5.83 11.26
C LEU A 47 1.27 4.54 10.65
N SER A 48 2.48 4.45 10.08
CA SER A 48 2.98 3.23 9.55
C SER A 48 3.96 2.63 10.55
N VAL A 49 3.82 1.33 10.88
CA VAL A 49 4.59 0.65 11.93
C VAL A 49 5.19 -0.63 11.35
N SER A 50 6.51 -0.91 11.56
CA SER A 50 7.04 -2.18 11.12
C SER A 50 6.76 -3.30 12.16
N ASP A 51 6.61 -4.49 11.62
CA ASP A 51 6.24 -5.61 12.43
C ASP A 51 6.97 -6.79 11.83
N PHE A 52 6.96 -7.84 12.58
CA PHE A 52 7.59 -9.07 12.16
C PHE A 52 6.71 -10.15 12.77
N ASP A 53 6.27 -11.04 11.83
CA ASP A 53 5.56 -12.27 12.17
C ASP A 53 6.36 -13.36 11.46
N ASN A 54 6.50 -14.51 12.11
CA ASN A 54 7.26 -15.67 11.62
C ASN A 54 6.95 -16.14 10.21
N ALA A 55 5.67 -16.06 9.83
CA ALA A 55 5.22 -16.51 8.52
C ALA A 55 5.62 -15.57 7.41
N LYS A 56 5.16 -14.32 7.46
CA LYS A 56 5.47 -13.36 6.44
C LYS A 56 6.76 -12.58 6.67
N GLY A 57 7.48 -12.67 7.79
CA GLY A 57 8.72 -11.93 7.99
C GLY A 57 8.43 -10.49 8.42
N LEU A 58 9.17 -9.60 7.82
CA LEU A 58 9.01 -8.19 8.07
C LEU A 58 7.78 -7.71 7.32
N ASN A 59 6.85 -7.00 7.92
CA ASN A 59 5.70 -6.49 7.21
C ASN A 59 5.37 -5.12 7.81
N VAL A 60 4.53 -4.30 7.20
CA VAL A 60 4.21 -2.97 7.71
C VAL A 60 2.69 -2.91 7.87
N LYS A 61 2.16 -2.38 8.97
CA LYS A 61 0.72 -2.26 9.14
C LYS A 61 0.44 -0.79 9.03
N HIS A 62 -0.64 -0.21 8.52
CA HIS A 62 -0.81 1.21 8.40
C HIS A 62 -2.10 1.53 9.10
N TYR A 63 -2.14 2.50 10.00
CA TYR A 63 -3.33 2.77 10.75
C TYR A 63 -3.80 4.15 10.37
N LYS A 64 -5.00 4.41 9.88
CA LYS A 64 -5.35 5.76 9.55
C LYS A 64 -5.47 6.64 10.80
N ILE A 65 -5.18 7.96 10.82
CA ILE A 65 -5.38 8.82 11.97
C ILE A 65 -6.42 9.86 11.52
N ARG A 66 -7.58 9.91 12.16
CA ARG A 66 -8.56 10.87 11.72
C ARG A 66 -8.41 12.13 12.55
N LYS A 67 -8.84 13.26 12.05
CA LYS A 67 -8.78 14.53 12.75
C LYS A 67 -10.19 14.90 13.16
N LEU A 68 -10.45 15.19 14.42
CA LEU A 68 -11.79 15.62 14.79
C LEU A 68 -11.88 17.06 14.33
N ASP A 69 -12.99 17.51 13.75
CA ASP A 69 -13.10 18.91 13.36
C ASP A 69 -12.90 19.85 14.55
N SER A 70 -13.30 19.38 15.71
CA SER A 70 -13.09 20.12 16.95
C SER A 70 -11.64 20.23 17.38
N GLY A 71 -10.67 19.59 16.74
CA GLY A 71 -9.29 19.75 17.17
C GLY A 71 -8.44 18.50 17.32
N GLY A 72 -8.87 17.49 18.06
CA GLY A 72 -8.05 16.33 18.31
C GLY A 72 -7.77 15.38 17.14
N PHE A 73 -7.26 14.21 17.51
CA PHE A 73 -6.80 13.18 16.63
C PHE A 73 -7.18 11.85 17.24
N TYR A 74 -7.57 10.85 16.44
CA TYR A 74 -7.83 9.52 16.98
C TYR A 74 -7.53 8.41 15.98
N ILE A 75 -7.15 7.25 16.53
CA ILE A 75 -7.00 6.00 15.86
C ILE A 75 -8.17 5.14 16.42
N THR A 76 -8.58 4.99 17.71
CA THR A 76 -9.76 4.22 18.14
C THR A 76 -10.68 5.05 19.06
N SER A 77 -11.85 4.55 19.43
CA SER A 77 -12.80 5.21 20.29
C SER A 77 -12.39 5.20 21.73
N ARG A 78 -11.36 4.43 22.07
CA ARG A 78 -10.85 4.37 23.42
C ARG A 78 -10.28 5.69 23.88
N THR A 79 -9.40 6.35 23.14
CA THR A 79 -8.85 7.60 23.63
C THR A 79 -8.73 8.51 22.44
N GLN A 80 -8.79 9.80 22.64
CA GLN A 80 -8.56 10.71 21.52
C GLN A 80 -7.44 11.63 21.98
N PHE A 81 -6.76 12.45 21.18
CA PHE A 81 -5.60 13.25 21.64
C PHE A 81 -5.66 14.64 21.07
N ASN A 82 -5.10 15.64 21.71
CA ASN A 82 -5.15 17.00 21.19
C ASN A 82 -4.06 17.30 20.17
N SER A 83 -3.05 16.43 20.01
CA SER A 83 -2.03 16.62 18.99
C SER A 83 -1.43 15.25 18.59
N LEU A 84 -0.85 15.24 17.41
CA LEU A 84 -0.14 14.11 16.91
C LEU A 84 1.01 13.79 17.86
N GLN A 85 1.70 14.75 18.49
CA GLN A 85 2.80 14.47 19.40
C GLN A 85 2.36 13.66 20.60
N GLN A 86 1.16 14.00 21.10
CA GLN A 86 0.48 13.37 22.22
C GLN A 86 0.08 11.93 21.87
N LEU A 87 -0.47 11.76 20.65
CA LEU A 87 -0.82 10.46 20.10
C LEU A 87 0.47 9.65 20.04
N VAL A 88 1.55 10.14 19.40
CA VAL A 88 2.82 9.40 19.31
C VAL A 88 3.31 9.00 20.67
N ALA A 89 3.10 9.79 21.71
CA ALA A 89 3.56 9.43 23.04
C ALA A 89 2.69 8.39 23.71
N TYR A 90 1.38 8.40 23.49
CA TYR A 90 0.55 7.42 24.14
C TYR A 90 0.92 6.05 23.62
N TYR A 91 0.96 5.87 22.32
CA TYR A 91 1.27 4.57 21.74
C TYR A 91 2.72 4.18 21.91
N SER A 92 3.58 5.09 22.33
CA SER A 92 4.92 4.68 22.64
C SER A 92 4.92 3.97 23.96
N LYS A 93 3.90 4.22 24.78
CA LYS A 93 3.73 3.57 26.08
C LYS A 93 2.77 2.38 26.02
N HIS A 94 1.75 2.43 25.28
CA HIS A 94 0.82 1.30 25.20
C HIS A 94 0.42 1.03 23.75
N ALA A 95 0.39 -0.22 23.37
CA ALA A 95 0.00 -0.60 22.00
C ALA A 95 -1.49 -0.33 21.78
N ASP A 96 -2.29 -0.75 22.76
CA ASP A 96 -3.77 -0.58 22.79
C ASP A 96 -4.43 -0.90 21.45
N GLY A 97 -4.25 -2.13 21.03
CA GLY A 97 -4.82 -2.63 19.79
C GLY A 97 -3.82 -2.52 18.66
N LEU A 98 -2.76 -1.64 18.67
CA LEU A 98 -1.84 -1.58 17.55
C LEU A 98 -1.00 -2.82 17.50
N CYS A 99 -0.41 -3.20 16.39
CA CYS A 99 0.36 -4.42 16.32
C CYS A 99 1.55 -4.38 17.29
N HIS A 100 2.14 -3.24 17.60
CA HIS A 100 3.27 -3.21 18.51
C HIS A 100 3.32 -1.78 18.96
N ARG A 101 3.89 -1.59 20.14
CA ARG A 101 4.20 -0.32 20.79
C ARG A 101 5.19 0.38 19.88
N LEU A 102 5.08 1.69 19.75
CA LEU A 102 5.94 2.44 18.91
C LEU A 102 7.26 2.38 19.64
N THR A 103 8.32 1.74 19.16
CA THR A 103 9.58 1.80 19.86
C THR A 103 10.49 2.90 19.29
N THR A 104 10.89 2.71 18.03
CA THR A 104 11.89 3.49 17.27
C THR A 104 11.41 4.51 16.22
N VAL A 105 11.78 5.79 16.12
CA VAL A 105 11.35 6.64 15.02
C VAL A 105 12.05 6.20 13.75
N CYS A 106 11.35 6.01 12.64
CA CYS A 106 12.00 5.61 11.41
C CYS A 106 13.15 6.55 11.05
N PRO A 107 14.37 6.05 10.80
CA PRO A 107 15.51 6.90 10.43
C PRO A 107 15.33 7.79 9.20
N ILE B 4 7.30 -12.31 -1.58
CA ILE B 4 6.54 -11.42 -2.44
C ILE B 4 6.27 -10.10 -1.72
N GLN B 5 6.17 -10.05 -0.38
CA GLN B 5 5.87 -8.82 0.35
C GLN B 5 6.90 -7.70 0.14
N ALA B 6 8.08 -8.16 -0.37
CA ALA B 6 9.24 -7.36 -0.72
C ALA B 6 9.40 -7.05 -2.22
N GLU B 7 8.43 -7.31 -3.08
CA GLU B 7 8.47 -6.90 -4.46
C GLU B 7 8.06 -5.47 -4.57
N GLU B 8 8.69 -4.55 -5.27
CA GLU B 8 8.26 -3.16 -5.31
C GLU B 8 6.83 -2.96 -5.72
N TRP B 9 6.38 -3.73 -6.71
CA TRP B 9 5.04 -3.65 -7.27
C TRP B 9 3.94 -4.32 -6.48
N TYR B 10 4.21 -5.09 -5.42
CA TYR B 10 3.19 -5.81 -4.70
C TYR B 10 2.70 -4.98 -3.56
N PHE B 11 1.46 -4.51 -3.62
CA PHE B 11 0.90 -3.66 -2.60
C PHE B 11 0.06 -4.41 -1.59
N GLY B 12 0.00 -5.72 -1.65
CA GLY B 12 -0.71 -6.52 -0.66
C GLY B 12 -2.21 -6.38 -0.67
N LYS B 13 -2.78 -6.25 0.50
CA LYS B 13 -4.22 -6.18 0.70
C LYS B 13 -4.93 -4.84 0.57
N ILE B 14 -4.60 -3.94 -0.32
CA ILE B 14 -5.36 -2.72 -0.47
C ILE B 14 -6.70 -3.00 -1.17
N THR B 15 -7.71 -2.17 -1.04
CA THR B 15 -8.96 -2.46 -1.74
C THR B 15 -8.94 -2.01 -3.18
N ARG B 16 -10.00 -2.31 -3.93
CA ARG B 16 -10.08 -1.76 -5.30
C ARG B 16 -10.13 -0.22 -5.31
N ARG B 17 -10.77 0.44 -4.33
CA ARG B 17 -10.90 1.90 -4.29
C ARG B 17 -9.53 2.53 -4.00
N GLU B 18 -8.81 1.88 -3.09
CA GLU B 18 -7.51 2.34 -2.75
C GLU B 18 -6.61 2.33 -3.96
N SER B 19 -6.55 1.20 -4.73
CA SER B 19 -5.69 1.13 -5.89
C SER B 19 -6.13 2.14 -6.91
N GLU B 20 -7.42 2.43 -7.02
CA GLU B 20 -7.79 3.42 -8.01
C GLU B 20 -7.49 4.76 -7.43
N ARG B 21 -7.32 4.93 -6.12
CA ARG B 21 -6.91 6.22 -5.60
C ARG B 21 -5.43 6.40 -5.69
N LEU B 22 -4.60 5.38 -5.47
CA LEU B 22 -3.14 5.45 -5.64
C LEU B 22 -2.70 5.56 -7.11
N LEU B 23 -3.42 4.91 -8.02
CA LEU B 23 -3.06 4.92 -9.43
C LEU B 23 -3.53 6.12 -10.27
N LEU B 24 -4.69 6.73 -9.98
CA LEU B 24 -5.16 7.83 -10.80
C LEU B 24 -4.52 9.08 -10.34
N ASN B 25 -3.47 9.22 -11.11
CA ASN B 25 -2.55 10.30 -11.02
C ASN B 25 -2.22 10.61 -12.48
N ALA B 26 -2.62 11.85 -12.81
CA ALA B 26 -2.47 12.44 -14.14
C ALA B 26 -1.06 12.79 -14.55
N GLU B 27 -0.15 12.58 -13.62
CA GLU B 27 1.24 12.78 -13.86
C GLU B 27 1.95 11.43 -13.90
N ASN B 28 1.16 10.34 -13.93
CA ASN B 28 1.72 9.00 -14.05
C ASN B 28 1.60 8.48 -15.47
N PRO B 29 2.57 7.79 -16.05
CA PRO B 29 2.43 7.29 -17.39
C PRO B 29 1.39 6.18 -17.52
N ARG B 30 0.85 6.02 -18.76
CA ARG B 30 -0.08 4.94 -19.04
C ARG B 30 0.71 3.64 -18.79
N GLY B 31 0.06 2.66 -18.20
CA GLY B 31 0.74 1.42 -17.93
C GLY B 31 1.30 1.44 -16.54
N THR B 32 1.16 2.47 -15.71
CA THR B 32 1.57 2.38 -14.31
C THR B 32 0.66 1.32 -13.62
N PHE B 33 1.16 0.52 -12.69
CA PHE B 33 0.43 -0.60 -12.15
C PHE B 33 0.86 -0.96 -10.71
N LEU B 34 0.23 -1.96 -10.12
CA LEU B 34 0.55 -2.56 -8.82
C LEU B 34 -0.13 -3.93 -8.83
N VAL B 35 0.36 -4.94 -8.09
CA VAL B 35 -0.32 -6.22 -7.91
C VAL B 35 -0.81 -6.19 -6.42
N ARG B 36 -2.08 -6.48 -6.21
CA ARG B 36 -2.70 -6.50 -4.90
C ARG B 36 -3.49 -7.77 -4.85
N GLU B 37 -4.12 -8.05 -3.72
CA GLU B 37 -4.97 -9.21 -3.58
C GLU B 37 -6.39 -8.99 -4.08
N SER B 38 -7.13 -9.98 -4.61
CA SER B 38 -8.51 -9.75 -4.99
C SER B 38 -9.30 -9.77 -3.69
N GLU B 39 -10.15 -8.78 -3.43
CA GLU B 39 -11.05 -8.79 -2.27
C GLU B 39 -12.17 -9.84 -2.48
N THR B 40 -12.68 -9.74 -3.71
CA THR B 40 -13.80 -10.50 -4.19
C THR B 40 -13.54 -11.98 -4.29
N THR B 41 -12.40 -12.41 -4.82
CA THR B 41 -12.15 -13.82 -5.05
C THR B 41 -11.06 -14.27 -4.13
N LYS B 42 -11.31 -15.00 -3.07
CA LYS B 42 -10.25 -15.44 -2.17
C LYS B 42 -9.23 -16.28 -2.93
N GLY B 43 -7.95 -16.02 -2.64
CA GLY B 43 -6.87 -16.75 -3.28
C GLY B 43 -6.27 -16.16 -4.57
N ALA B 44 -6.97 -15.24 -5.20
CA ALA B 44 -6.58 -14.64 -6.45
C ALA B 44 -5.91 -13.32 -6.25
N TYR B 45 -5.24 -12.86 -7.29
CA TYR B 45 -4.62 -11.57 -7.21
C TYR B 45 -5.26 -10.68 -8.21
N CYS B 46 -4.80 -9.45 -8.30
CA CYS B 46 -5.34 -8.51 -9.24
C CYS B 46 -4.26 -7.58 -9.67
N LEU B 47 -4.25 -7.28 -10.96
CA LEU B 47 -3.30 -6.35 -11.50
C LEU B 47 -4.05 -5.14 -11.97
N SER B 48 -3.89 -4.04 -11.25
CA SER B 48 -4.61 -2.83 -11.57
C SER B 48 -3.72 -2.01 -12.45
N VAL B 49 -4.15 -1.34 -13.53
CA VAL B 49 -3.23 -0.70 -14.49
C VAL B 49 -3.85 0.61 -14.95
N SER B 50 -3.11 1.73 -14.96
CA SER B 50 -3.75 2.95 -15.42
C SER B 50 -3.75 3.01 -16.94
N ASP B 51 -4.83 3.59 -17.44
CA ASP B 51 -4.98 3.70 -18.85
C ASP B 51 -5.55 5.05 -19.20
N PHE B 52 -5.55 5.43 -20.46
CA PHE B 52 -6.11 6.68 -20.91
C PHE B 52 -6.63 6.49 -22.31
N ASP B 53 -7.91 6.72 -22.48
CA ASP B 53 -8.49 6.73 -23.80
C ASP B 53 -9.14 8.10 -23.92
N ASN B 54 -9.33 8.53 -25.15
CA ASN B 54 -9.85 9.86 -25.45
C ASN B 54 -11.15 10.22 -24.74
N ALA B 55 -12.08 9.27 -24.80
CA ALA B 55 -13.37 9.45 -24.22
C ALA B 55 -13.31 9.30 -22.71
N LYS B 56 -13.05 8.11 -22.13
CA LYS B 56 -13.13 7.98 -20.68
C LYS B 56 -12.01 8.68 -19.96
N GLY B 57 -10.95 8.99 -20.70
CA GLY B 57 -9.80 9.63 -20.12
C GLY B 57 -9.02 8.67 -19.25
N LEU B 58 -8.50 9.22 -18.15
CA LEU B 58 -7.81 8.45 -17.16
C LEU B 58 -8.72 7.48 -16.47
N ASN B 59 -8.38 6.22 -16.37
CA ASN B 59 -9.21 5.24 -15.72
C ASN B 59 -8.28 4.13 -15.32
N VAL B 60 -8.67 3.19 -14.48
CA VAL B 60 -7.80 2.11 -14.08
C VAL B 60 -8.50 0.85 -14.56
N LYS B 61 -7.86 -0.18 -15.16
CA LYS B 61 -8.44 -1.45 -15.59
C LYS B 61 -7.94 -2.43 -14.53
N HIS B 62 -8.75 -3.40 -14.13
CA HIS B 62 -8.38 -4.34 -13.08
C HIS B 62 -8.42 -5.70 -13.73
N TYR B 63 -7.32 -6.49 -13.66
CA TYR B 63 -7.26 -7.80 -14.30
C TYR B 63 -7.11 -8.86 -13.25
N LYS B 64 -8.03 -9.80 -13.05
CA LYS B 64 -7.83 -10.81 -12.02
C LYS B 64 -6.69 -11.76 -12.41
N ILE B 65 -5.91 -12.31 -11.48
CA ILE B 65 -4.80 -13.22 -11.77
C ILE B 65 -5.19 -14.42 -10.95
N ARG B 66 -5.37 -15.57 -11.56
CA ARG B 66 -5.76 -16.79 -10.88
C ARG B 66 -4.57 -17.70 -10.71
N LYS B 67 -4.56 -18.40 -9.59
CA LYS B 67 -3.46 -19.27 -9.27
C LYS B 67 -3.95 -20.67 -9.57
N LEU B 68 -3.31 -21.41 -10.43
CA LEU B 68 -3.65 -22.77 -10.73
C LEU B 68 -3.28 -23.64 -9.53
N ASP B 69 -3.97 -24.76 -9.25
CA ASP B 69 -3.67 -25.61 -8.11
C ASP B 69 -2.26 -26.21 -8.14
N SER B 70 -1.76 -26.51 -9.35
CA SER B 70 -0.40 -26.98 -9.52
C SER B 70 0.57 -25.89 -9.08
N GLY B 71 0.20 -24.60 -9.19
CA GLY B 71 1.06 -23.51 -8.71
C GLY B 71 1.09 -22.21 -9.53
N GLY B 72 1.05 -22.30 -10.87
CA GLY B 72 1.22 -21.15 -11.73
C GLY B 72 0.12 -20.11 -11.66
N PHE B 73 0.27 -19.04 -12.46
CA PHE B 73 -0.65 -17.92 -12.50
C PHE B 73 -1.10 -17.60 -13.91
N TYR B 74 -2.31 -17.11 -14.15
CA TYR B 74 -2.67 -16.72 -15.49
C TYR B 74 -3.65 -15.55 -15.45
N ILE B 75 -3.67 -14.74 -16.51
CA ILE B 75 -4.66 -13.72 -16.78
C ILE B 75 -5.35 -14.29 -18.02
N THR B 76 -4.72 -14.92 -19.05
CA THR B 76 -5.44 -15.46 -20.20
C THR B 76 -5.02 -16.85 -20.58
N SER B 77 -5.65 -17.57 -21.50
CA SER B 77 -5.28 -18.93 -21.86
C SER B 77 -4.05 -19.02 -22.73
N ARG B 78 -3.58 -17.88 -23.22
CA ARG B 78 -2.41 -17.92 -24.04
C ARG B 78 -1.17 -18.23 -23.23
N THR B 79 -0.86 -17.71 -22.04
CA THR B 79 0.40 -18.00 -21.38
C THR B 79 0.08 -18.12 -19.87
N GLN B 80 0.90 -18.84 -19.12
CA GLN B 80 0.76 -19.08 -17.67
C GLN B 80 2.22 -18.89 -17.23
N PHE B 81 2.41 -18.53 -15.97
CA PHE B 81 3.68 -18.17 -15.40
C PHE B 81 3.89 -19.01 -14.18
N ASN B 82 5.08 -19.49 -13.90
CA ASN B 82 5.28 -20.29 -12.71
C ASN B 82 5.40 -19.34 -11.52
N SER B 83 5.37 -18.00 -11.68
CA SER B 83 5.46 -17.13 -10.52
C SER B 83 4.93 -15.79 -10.87
N LEU B 84 4.50 -15.04 -9.87
CA LEU B 84 3.98 -13.69 -10.12
C LEU B 84 5.00 -12.74 -10.71
N GLN B 85 6.28 -12.85 -10.43
CA GLN B 85 7.26 -11.95 -10.99
C GLN B 85 7.46 -12.35 -12.43
N GLN B 86 7.38 -13.61 -12.83
CA GLN B 86 7.50 -13.86 -14.26
C GLN B 86 6.30 -13.27 -15.01
N LEU B 87 5.10 -13.21 -14.43
CA LEU B 87 3.96 -12.53 -15.04
C LEU B 87 4.21 -11.04 -15.13
N VAL B 88 4.74 -10.35 -14.10
CA VAL B 88 4.96 -8.93 -14.24
C VAL B 88 6.07 -8.71 -15.25
N ALA B 89 7.14 -9.49 -15.28
CA ALA B 89 8.19 -9.40 -16.31
C ALA B 89 7.69 -9.61 -17.74
N TYR B 90 6.78 -10.54 -18.05
CA TYR B 90 6.31 -10.74 -19.39
C TYR B 90 5.50 -9.56 -19.85
N TYR B 91 4.57 -9.08 -19.04
CA TYR B 91 3.67 -8.04 -19.52
C TYR B 91 4.27 -6.68 -19.48
N SER B 92 5.51 -6.60 -19.02
CA SER B 92 6.28 -5.37 -19.10
C SER B 92 6.83 -5.35 -20.51
N LYS B 93 6.95 -6.56 -21.12
CA LYS B 93 7.53 -6.50 -22.47
C LYS B 93 6.43 -6.67 -23.55
N HIS B 94 5.28 -7.25 -23.17
CA HIS B 94 4.15 -7.52 -24.13
C HIS B 94 2.77 -7.32 -23.50
N ALA B 95 1.99 -6.43 -24.07
CA ALA B 95 0.63 -6.16 -23.56
C ALA B 95 -0.25 -7.43 -23.66
N ASP B 96 -0.13 -8.12 -24.79
CA ASP B 96 -0.85 -9.40 -25.08
C ASP B 96 -2.31 -9.37 -24.62
N GLY B 97 -3.00 -8.36 -25.09
CA GLY B 97 -4.42 -8.16 -24.77
C GLY B 97 -4.58 -7.14 -23.64
N LEU B 98 -3.63 -6.89 -22.70
CA LEU B 98 -3.84 -5.82 -21.71
C LEU B 98 -3.93 -4.45 -22.42
N CYS B 99 -4.50 -3.43 -21.80
CA CYS B 99 -4.64 -2.10 -22.40
C CYS B 99 -3.30 -1.45 -22.70
N HIS B 100 -2.26 -1.85 -21.99
CA HIS B 100 -0.95 -1.27 -22.19
C HIS B 100 0.06 -2.16 -21.54
N ARG B 101 1.28 -2.20 -22.07
CA ARG B 101 2.42 -2.86 -21.44
C ARG B 101 2.61 -2.21 -20.10
N LEU B 102 3.06 -2.92 -19.08
CA LEU B 102 3.26 -2.35 -17.77
C LEU B 102 4.54 -1.50 -17.86
N THR B 103 4.50 -0.22 -17.44
CA THR B 103 5.59 0.71 -17.48
C THR B 103 6.03 1.00 -16.05
N THR B 104 5.56 1.98 -15.29
CA THR B 104 6.12 2.29 -13.97
C THR B 104 5.37 1.54 -12.86
N VAL B 105 6.06 1.19 -11.78
CA VAL B 105 5.40 0.63 -10.63
C VAL B 105 4.77 1.85 -10.00
N CYS B 106 3.58 1.70 -9.39
CA CYS B 106 2.84 2.77 -8.71
C CYS B 106 3.84 3.46 -7.74
N PRO B 107 4.01 4.78 -7.79
CA PRO B 107 4.92 5.46 -6.91
C PRO B 107 4.60 5.41 -5.43
C ACE C 1 -4.74 -0.65 4.39
O ACE C 1 -3.58 -0.69 4.83
CH3 ACE C 1 -5.04 -1.01 2.94
N PTR C 2 -5.74 -0.10 5.07
CA PTR C 2 -5.62 0.29 6.46
C PTR C 2 -6.27 -0.78 7.32
O PTR C 2 -7.24 -1.43 6.93
CB PTR C 2 -6.31 1.59 6.61
CG PTR C 2 -5.61 2.67 5.84
CD1 PTR C 2 -6.02 2.92 4.56
CD2 PTR C 2 -4.56 3.38 6.38
CE1 PTR C 2 -5.37 3.88 3.80
CE2 PTR C 2 -3.90 4.34 5.63
CZ PTR C 2 -4.32 4.60 4.33
OH PTR C 2 -3.76 5.56 3.59
P PTR C 2 -2.61 5.30 2.28
O1P PTR C 2 -3.42 4.91 1.16
O2P PTR C 2 -1.88 6.61 2.21
O3P PTR C 2 -1.77 4.16 2.86
H PTR C 2 -6.60 0.03 4.62
N GLU C 3 -5.72 -0.97 8.49
CA GLU C 3 -6.19 -1.86 9.52
C GLU C 3 -7.52 -1.38 10.14
N DIX C 4 -8.41 -2.21 10.67
CM DIX C 4 -8.28 -3.66 10.51
C3 DIX C 4 -9.51 -1.81 11.55
C2 DIX C 4 -8.99 -1.98 12.98
C1 DIX C 4 -8.51 -0.70 13.66
C1' DIX C 4 -7.32 -0.80 14.60
C2' DIX C 4 -6.95 0.43 15.36
C5' DIX C 4 -7.27 -1.95 15.54
C4' DIX C 4 -6.71 -1.33 16.80
C3' DIX C 4 -6.08 -0.09 16.40
C ACE D 1 -14.29 -5.22 -12.83
O ACE D 1 -13.47 -4.27 -12.90
CH3 ACE D 1 -15.67 -5.07 -12.20
N PTR D 2 -13.97 -6.50 -13.06
CA PTR D 2 -12.74 -6.89 -13.70
C PTR D 2 -12.87 -6.95 -15.20
O PTR D 2 -13.98 -7.06 -15.71
CB PTR D 2 -12.34 -8.23 -13.17
CG PTR D 2 -12.03 -8.13 -11.69
CD1 PTR D 2 -12.93 -8.55 -10.74
CD2 PTR D 2 -10.79 -7.67 -11.28
CE1 PTR D 2 -12.60 -8.52 -9.40
CE2 PTR D 2 -10.45 -7.62 -9.94
CZ PTR D 2 -11.35 -8.07 -9.00
OH PTR D 2 -10.99 -8.10 -7.76
P PTR D 2 -11.36 -6.81 -6.68
O1P PTR D 2 -12.82 -6.88 -6.50
O2P PTR D 2 -10.44 -7.26 -5.62
O3P PTR D 2 -10.94 -5.69 -7.61
H PTR D 2 -14.60 -7.19 -12.77
N GLU D 3 -11.79 -6.91 -15.91
CA GLU D 3 -11.80 -7.00 -17.38
C GLU D 3 -12.03 -8.44 -17.85
N DIX D 4 -12.53 -8.75 -19.05
CM DIX D 4 -13.07 -7.78 -19.98
C3 DIX D 4 -12.35 -10.08 -19.63
C2 DIX D 4 -11.11 -10.12 -20.56
C1 DIX D 4 -9.73 -10.03 -19.95
C1' DIX D 4 -8.68 -10.00 -21.00
C2' DIX D 4 -7.30 -9.84 -20.56
C5' DIX D 4 -8.92 -8.97 -22.06
C4' DIX D 4 -7.52 -8.70 -22.57
C3' DIX D 4 -6.64 -9.67 -21.89
#